data_5A0A
#
_entry.id   5A0A
#
_cell.length_a   72.712
_cell.length_b   72.712
_cell.length_c   69.583
_cell.angle_alpha   90.00
_cell.angle_beta   90.00
_cell.angle_gamma   120.00
#
_symmetry.space_group_name_H-M   'P 63'
#
loop_
_entity.id
_entity.type
_entity.pdbx_description
1 polymer 'NEUTROPHIL ELASTASE'
2 branched alpha-L-fucopyranose-(1-6)-2-acetamido-2-deoxy-beta-D-glucopyranose
3 non-polymer 5-[(6R)-5-ethanoyl-4-methyl-2-oxidanylidene-3-[3-(trifluoromethyl)phenyl]-1,6-dihydropyrimidin-6-yl]pyridine-2-carbonitrile
4 non-polymer 2-acetamido-2-deoxy-beta-D-glucopyranose
5 non-polymer '4-(2-HYDROXYETHYL)-1-PIPERAZINE ETHANESULFONIC ACID'
6 water water
#
_entity_poly.entity_id   1
_entity_poly.type   'polypeptide(L)'
_entity_poly.pdbx_seq_one_letter_code
;IVGGRRARPHAWPFMVSLQLRGGHFCGATLIAPNFVMSAAHCVANVNVRAVRVVLGAHNLSRREPTRQVFAVQRIFENGY
DPVNLLNDIVILQLNGSATINANVQVAQLPAQGRRLGNGVQCLAMGWGLLGRNRGIASVLQELNVTVVTSLCRRSNVCTL
VRGRQAGVCFGDSGSPLVCNGLIHGIASFVRGGCASGLYPDAFAPVAQFVNWIDSIIQ
;
_entity_poly.pdbx_strand_id   E
#
# COMPACT_ATOMS: atom_id res chain seq x y z
N ILE A 1 -10.50 -3.79 -1.56
CA ILE A 1 -11.05 -2.76 -2.51
C ILE A 1 -12.54 -3.03 -2.77
N VAL A 2 -13.38 -2.02 -2.53
CA VAL A 2 -14.81 -2.10 -2.83
C VAL A 2 -15.09 -1.43 -4.18
N GLY A 3 -15.75 -2.14 -5.10
CA GLY A 3 -16.18 -1.54 -6.37
C GLY A 3 -15.07 -1.41 -7.37
N GLY A 4 -13.96 -2.11 -7.11
CA GLY A 4 -12.84 -2.13 -8.04
C GLY A 4 -13.00 -3.26 -9.03
N ARG A 5 -11.88 -3.75 -9.55
CA ARG A 5 -11.87 -4.84 -10.53
C ARG A 5 -10.63 -5.68 -10.31
N ARG A 6 -10.63 -6.92 -10.81
CA ARG A 6 -9.43 -7.76 -10.77
C ARG A 6 -8.30 -7.12 -11.56
N ALA A 7 -7.11 -7.15 -10.97
CA ALA A 7 -5.95 -6.75 -11.75
C ALA A 7 -5.53 -7.90 -12.64
N ARG A 8 -4.93 -7.55 -13.78
CA ARG A 8 -4.24 -8.53 -14.63
C ARG A 8 -3.13 -9.18 -13.78
N PRO A 9 -2.98 -10.52 -13.84
CA PRO A 9 -1.99 -11.18 -12.98
C PRO A 9 -0.62 -10.52 -13.16
N HIS A 10 0.03 -10.15 -12.05
CA HIS A 10 1.38 -9.56 -12.10
C HIS A 10 1.50 -8.22 -12.85
N ALA A 11 0.38 -7.48 -12.98
CA ALA A 11 0.39 -6.15 -13.59
C ALA A 11 1.22 -5.15 -12.76
N TRP A 12 1.30 -5.41 -11.44
CA TRP A 12 1.91 -4.49 -10.48
C TRP A 12 2.94 -5.24 -9.63
N PRO A 13 4.07 -5.60 -10.24
CA PRO A 13 4.99 -6.55 -9.61
C PRO A 13 5.74 -6.01 -8.38
N PHE A 14 5.52 -4.74 -8.03
CA PHE A 14 6.05 -4.19 -6.77
C PHE A 14 5.05 -4.40 -5.60
N MET A 15 3.88 -4.93 -5.90
CA MET A 15 2.81 -5.13 -4.91
C MET A 15 3.12 -6.31 -4.00
N VAL A 16 2.99 -6.11 -2.69
CA VAL A 16 3.45 -7.07 -1.68
C VAL A 16 2.30 -7.44 -0.76
N SER A 17 2.22 -8.72 -0.36
CA SER A 17 1.26 -9.14 0.66
C SER A 17 2.02 -9.42 1.94
N LEU A 18 1.64 -8.72 3.02
CA LEU A 18 2.19 -9.04 4.35
C LEU A 18 1.24 -10.04 5.00
N GLN A 19 1.84 -11.10 5.56
CA GLN A 19 1.04 -12.26 5.99
C GLN A 19 1.47 -12.75 7.36
N LEU A 20 0.53 -13.37 8.06
CA LEU A 20 0.79 -14.08 9.31
C LEU A 20 0.19 -15.46 9.17
N ARG A 21 0.86 -16.48 9.70
CA ARG A 21 0.46 -17.89 9.47
C ARG A 21 -0.33 -18.12 8.18
N GLY A 22 0.29 -17.72 7.05
CA GLY A 22 -0.30 -17.82 5.71
C GLY A 22 -1.54 -16.99 5.37
N GLY A 23 -1.95 -16.08 6.27
CA GLY A 23 -3.07 -15.17 5.99
C GLY A 23 -2.64 -13.72 5.82
N HIS A 24 -3.01 -13.14 4.67
CA HIS A 24 -2.79 -11.72 4.35
C HIS A 24 -3.41 -10.82 5.42
N PHE A 25 -2.65 -9.82 5.86
CA PHE A 25 -3.22 -8.77 6.74
C PHE A 25 -2.96 -7.33 6.26
N CYS A 26 -2.00 -7.14 5.35
CA CYS A 26 -1.68 -5.81 4.88
C CYS A 26 -0.93 -5.86 3.57
N GLY A 27 -0.98 -4.78 2.81
CA GLY A 27 -0.22 -4.66 1.58
C GLY A 27 1.08 -3.95 1.92
N ALA A 28 2.01 -3.92 0.96
CA ALA A 28 3.26 -3.17 1.08
C ALA A 28 3.78 -3.01 -0.36
N THR A 29 4.87 -2.29 -0.50
CA THR A 29 5.47 -1.99 -1.80
C THR A 29 6.92 -2.35 -1.75
N LEU A 30 7.40 -3.04 -2.78
CA LEU A 30 8.83 -3.33 -2.87
C LEU A 30 9.56 -2.07 -3.38
N ILE A 31 10.43 -1.52 -2.53
CA ILE A 31 11.13 -0.28 -2.88
C ILE A 31 12.63 -0.45 -3.17
N ALA A 32 13.18 -1.64 -2.87
CA ALA A 32 14.54 -2.07 -3.22
C ALA A 32 14.46 -3.57 -3.02
N PRO A 33 15.40 -4.34 -3.58
CA PRO A 33 15.38 -5.81 -3.40
C PRO A 33 15.27 -6.23 -1.93
N ASN A 34 15.85 -5.48 -1.00
CA ASN A 34 15.80 -5.90 0.41
C ASN A 34 14.94 -5.00 1.33
N PHE A 35 14.05 -4.20 0.74
CA PHE A 35 13.21 -3.29 1.52
C PHE A 35 11.82 -3.17 0.93
N VAL A 36 10.83 -3.24 1.81
CA VAL A 36 9.45 -2.92 1.47
C VAL A 36 9.02 -1.76 2.34
N MET A 37 7.96 -1.08 1.91
CA MET A 37 7.39 -0.03 2.74
C MET A 37 5.88 -0.25 2.84
N SER A 38 5.35 0.08 4.01
CA SER A 38 3.95 -0.21 4.33
C SER A 38 3.45 0.90 5.26
N ALA A 39 2.24 0.74 5.78
CA ALA A 39 1.70 1.67 6.76
C ALA A 39 2.14 1.24 8.15
N ALA A 40 2.55 2.22 8.95
CA ALA A 40 2.96 1.97 10.33
C ALA A 40 1.87 1.26 11.11
N HIS A 41 0.61 1.56 10.81
CA HIS A 41 -0.49 0.94 11.56
C HIS A 41 -0.65 -0.56 11.29
N CYS A 42 -0.09 -1.04 10.17
CA CYS A 42 -0.05 -2.48 9.86
C CYS A 42 0.69 -3.35 10.88
N VAL A 43 1.74 -2.78 11.47
CA VAL A 43 2.65 -3.53 12.32
C VAL A 43 2.67 -3.04 13.77
N ALA A 44 1.82 -2.05 14.08
CA ALA A 44 1.84 -1.40 15.40
C ALA A 44 1.69 -2.41 16.53
N ASN A 45 0.72 -3.31 16.38
CA ASN A 45 0.44 -4.27 17.44
C ASN A 45 0.76 -5.69 17.01
N VAL A 46 1.68 -5.80 16.05
CA VAL A 46 2.05 -7.06 15.47
C VAL A 46 3.51 -7.30 15.79
N ASN A 47 3.80 -8.53 16.22
CA ASN A 47 5.16 -8.94 16.42
C ASN A 47 5.75 -9.23 15.05
N VAL A 48 6.72 -8.42 14.65
CA VAL A 48 7.25 -8.51 13.28
C VAL A 48 8.03 -9.79 12.96
N ARG A 49 8.58 -10.45 13.99
CA ARG A 49 9.26 -11.76 13.83
C ARG A 49 8.36 -12.84 13.19
N ALA A 50 7.05 -12.66 13.31
CA ALA A 50 6.09 -13.61 12.76
C ALA A 50 5.63 -13.19 11.33
N VAL A 51 5.97 -11.99 10.91
CA VAL A 51 5.52 -11.49 9.59
C VAL A 51 6.27 -12.17 8.43
N ARG A 52 5.51 -12.61 7.43
CA ARG A 52 6.08 -13.08 6.18
C ARG A 52 5.77 -12.05 5.09
N VAL A 53 6.81 -11.68 4.34
CA VAL A 53 6.71 -10.70 3.25
C VAL A 53 6.64 -11.46 1.94
N VAL A 54 5.47 -11.41 1.33
CA VAL A 54 5.21 -12.25 0.13
C VAL A 54 5.25 -11.41 -1.15
N LEU A 55 6.24 -11.70 -2.00
CA LEU A 55 6.41 -11.01 -3.28
C LEU A 55 5.89 -11.88 -4.40
N GLY A 56 5.59 -11.26 -5.54
CA GLY A 56 5.15 -12.03 -6.71
C GLY A 56 3.81 -12.74 -6.64
N ALA A 57 2.94 -12.32 -5.72
CA ALA A 57 1.61 -12.94 -5.54
C ALA A 57 0.55 -12.30 -6.45
N HIS A 58 -0.50 -13.08 -6.74
CA HIS A 58 -1.67 -12.55 -7.43
C HIS A 58 -2.97 -13.06 -6.78
N ASN A 59 -3.10 -14.38 -6.79
CA ASN A 59 -4.25 -15.04 -6.21
C ASN A 59 -3.83 -15.70 -4.90
N LEU A 60 -4.29 -15.13 -3.79
CA LEU A 60 -3.89 -15.56 -2.46
C LEU A 60 -4.48 -16.95 -2.04
N SER A 61 -5.46 -17.43 -2.80
CA SER A 61 -6.09 -18.72 -2.50
C SER A 61 -5.35 -19.87 -3.21
N ARG A 62 -4.46 -19.52 -4.14
CA ARG A 62 -3.74 -20.50 -4.95
C ARG A 62 -2.29 -20.63 -4.51
N ARG A 63 -1.71 -21.80 -4.75
CA ARG A 63 -0.27 -22.03 -4.59
C ARG A 63 0.37 -21.38 -5.81
N GLU A 64 1.36 -20.52 -5.59
CA GLU A 64 1.92 -19.73 -6.69
C GLU A 64 3.46 -19.77 -6.67
N PRO A 65 4.07 -20.45 -7.65
CA PRO A 65 5.55 -20.56 -7.72
C PRO A 65 6.28 -19.26 -8.09
N THR A 66 5.56 -18.29 -8.65
CA THR A 66 6.09 -16.94 -8.83
C THR A 66 6.39 -16.25 -7.50
N ARG A 67 5.89 -16.78 -6.38
CA ARG A 67 6.06 -16.11 -5.08
C ARG A 67 7.49 -16.23 -4.53
N GLN A 68 7.92 -15.17 -3.84
CA GLN A 68 9.15 -15.18 -3.03
C GLN A 68 8.78 -14.74 -1.63
N VAL A 69 9.30 -15.41 -0.61
CA VAL A 69 8.85 -15.16 0.75
C VAL A 69 10.06 -14.75 1.60
N PHE A 70 9.93 -13.62 2.28
CA PHE A 70 10.96 -13.12 3.19
C PHE A 70 10.48 -12.91 4.63
N ALA A 71 11.42 -12.90 5.57
CA ALA A 71 11.14 -12.46 6.93
C ALA A 71 11.67 -11.02 7.08
N VAL A 72 11.25 -10.37 8.16
CA VAL A 72 11.61 -8.99 8.46
C VAL A 72 12.84 -9.02 9.36
N GLN A 73 13.87 -8.31 8.93
CA GLN A 73 15.13 -8.28 9.65
C GLN A 73 15.18 -7.09 10.60
N ARG A 74 14.64 -5.96 10.14
CA ARG A 74 14.75 -4.67 10.84
C ARG A 74 13.56 -3.81 10.43
N ILE A 75 13.14 -2.93 11.32
CA ILE A 75 12.05 -1.99 11.05
C ILE A 75 12.61 -0.59 11.14
N PHE A 76 12.28 0.27 10.17
CA PHE A 76 12.57 1.70 10.30
C PHE A 76 11.26 2.44 10.39
N GLU A 77 11.11 3.22 11.47
CA GLU A 77 9.91 4.01 11.66
C GLU A 77 10.20 5.49 11.46
N ASN A 78 9.13 6.28 11.34
CA ASN A 78 9.27 7.70 11.06
C ASN A 78 8.23 8.51 11.86
N GLY A 79 8.08 8.19 13.13
CA GLY A 79 7.30 9.07 14.01
C GLY A 79 5.81 8.89 13.88
N TYR A 80 5.38 7.64 13.64
CA TYR A 80 3.97 7.32 13.50
C TYR A 80 3.22 7.85 14.71
N ASP A 81 2.22 8.67 14.43
CA ASP A 81 1.42 9.30 15.48
C ASP A 81 -0.05 8.91 15.28
N PRO A 82 -0.49 7.83 15.95
CA PRO A 82 -1.87 7.37 15.76
C PRO A 82 -2.93 8.33 16.32
N VAL A 83 -2.55 9.20 17.26
CA VAL A 83 -3.48 10.16 17.83
C VAL A 83 -3.87 11.21 16.79
N ASN A 84 -2.90 11.60 15.97
CA ASN A 84 -3.15 12.62 14.96
C ASN A 84 -3.22 12.08 13.54
N LEU A 85 -3.19 10.74 13.41
CA LEU A 85 -3.18 10.04 12.12
C LEU A 85 -2.06 10.53 11.16
N LEU A 86 -0.84 10.60 11.68
CA LEU A 86 0.26 11.18 10.94
C LEU A 86 1.43 10.22 10.80
N ASN A 87 2.20 10.40 9.73
CA ASN A 87 3.42 9.61 9.52
C ASN A 87 3.13 8.12 9.52
N ASP A 88 2.09 7.73 8.77
CA ASP A 88 1.65 6.33 8.74
C ASP A 88 2.49 5.53 7.73
N ILE A 89 3.78 5.38 8.05
CA ILE A 89 4.75 4.77 7.15
C ILE A 89 5.79 3.99 7.93
N VAL A 90 6.17 2.84 7.39
CA VAL A 90 7.24 2.06 7.97
C VAL A 90 8.00 1.40 6.83
N ILE A 91 9.31 1.21 7.02
CA ILE A 91 10.10 0.45 6.08
C ILE A 91 10.52 -0.84 6.79
N LEU A 92 10.30 -1.94 6.10
CA LEU A 92 10.67 -3.24 6.61
C LEU A 92 11.87 -3.72 5.80
N GLN A 93 13.00 -3.96 6.48
CA GLN A 93 14.17 -4.51 5.82
C GLN A 93 14.06 -6.04 5.82
N LEU A 94 14.23 -6.65 4.67
CA LEU A 94 14.06 -8.11 4.53
C LEU A 94 15.30 -8.88 4.99
N ASN A 95 15.15 -10.16 5.27
CA ASN A 95 16.28 -11.00 5.68
C ASN A 95 17.15 -11.49 4.48
N GLY A 96 16.79 -11.09 3.28
CA GLY A 96 17.62 -11.29 2.11
C GLY A 96 17.11 -10.33 1.07
N SER A 97 17.52 -10.55 -0.19
CA SER A 97 17.15 -9.68 -1.30
C SER A 97 16.28 -10.42 -2.28
N ALA A 98 15.22 -9.74 -2.72
CA ALA A 98 14.34 -10.24 -3.77
C ALA A 98 15.13 -10.51 -5.05
N THR A 99 14.68 -11.53 -5.78
CA THR A 99 15.11 -11.75 -7.16
C THR A 99 14.19 -10.99 -8.08
N ILE A 100 14.69 -9.90 -8.62
CA ILE A 100 13.91 -9.05 -9.52
C ILE A 100 13.66 -9.78 -10.84
N ASN A 101 12.39 -9.94 -11.22
CA ASN A 101 12.01 -10.54 -12.50
C ASN A 101 10.66 -10.02 -12.94
N ALA A 102 10.01 -10.71 -13.89
CA ALA A 102 8.72 -10.27 -14.42
C ALA A 102 7.66 -10.09 -13.33
N ASN A 103 7.72 -10.93 -12.30
CA ASN A 103 6.73 -10.96 -11.23
C ASN A 103 7.07 -10.18 -9.96
N VAL A 104 8.29 -9.68 -9.89
CA VAL A 104 8.81 -9.00 -8.71
C VAL A 104 9.71 -7.85 -9.15
N GLN A 105 9.22 -6.62 -8.98
CA GLN A 105 9.97 -5.43 -9.39
C GLN A 105 9.95 -4.34 -8.33
N VAL A 106 10.94 -3.47 -8.41
CA VAL A 106 11.09 -2.32 -7.53
C VAL A 106 10.22 -1.16 -8.08
N ALA A 107 9.38 -0.57 -7.22
CA ALA A 107 8.55 0.57 -7.59
C ALA A 107 9.37 1.87 -7.73
N GLN A 108 8.88 2.77 -8.58
CA GLN A 108 9.49 4.12 -8.72
C GLN A 108 8.77 5.09 -7.79
N LEU A 109 9.53 5.93 -7.11
CA LEU A 109 8.99 6.88 -6.16
C LEU A 109 9.06 8.30 -6.75
N PRO A 110 8.24 9.23 -6.22
CA PRO A 110 8.27 10.62 -6.70
C PRO A 110 9.45 11.41 -6.11
N ALA A 111 9.64 12.64 -6.59
CA ALA A 111 10.58 13.58 -6.02
C ALA A 111 10.10 13.99 -4.63
N GLN A 112 11.05 14.21 -3.71
CA GLN A 112 10.75 14.80 -2.41
C GLN A 112 9.91 16.08 -2.52
N GLY A 113 8.80 16.09 -1.77
CA GLY A 113 7.95 17.26 -1.70
C GLY A 113 6.94 17.40 -2.82
N ARG A 114 6.96 16.52 -3.82
CA ARG A 114 6.01 16.63 -4.91
C ARG A 114 4.56 16.47 -4.44
N ARG A 115 3.78 17.52 -4.60
CA ARG A 115 2.34 17.45 -4.34
C ARG A 115 1.55 17.03 -5.58
N LEU A 116 0.37 16.43 -5.34
CA LEU A 116 -0.59 16.11 -6.38
C LEU A 116 -1.78 17.06 -6.34
N GLY A 117 -2.14 17.63 -7.47
CA GLY A 117 -3.28 18.55 -7.53
C GLY A 117 -4.63 17.84 -7.50
N ASN A 118 -5.67 18.57 -7.13
CA ASN A 118 -7.04 18.11 -7.27
C ASN A 118 -7.30 17.62 -8.68
N GLY A 119 -7.77 16.39 -8.82
CA GLY A 119 -8.12 15.84 -10.12
C GLY A 119 -7.10 14.85 -10.65
N VAL A 120 -5.96 14.69 -9.97
CA VAL A 120 -5.00 13.67 -10.40
C VAL A 120 -5.67 12.30 -10.40
N GLN A 121 -5.41 11.52 -11.44
CA GLN A 121 -6.00 10.20 -11.60
C GLN A 121 -4.98 9.17 -11.12
N CYS A 122 -5.39 8.35 -10.17
CA CYS A 122 -4.52 7.29 -9.61
C CYS A 122 -5.18 5.91 -9.62
N LEU A 123 -4.35 4.88 -9.46
CA LEU A 123 -4.83 3.53 -9.23
C LEU A 123 -4.53 3.16 -7.78
N ALA A 124 -5.58 2.83 -7.03
CA ALA A 124 -5.42 2.18 -5.74
C ALA A 124 -5.51 0.65 -5.97
N MET A 125 -5.02 -0.13 -5.01
CA MET A 125 -5.01 -1.58 -5.25
C MET A 125 -4.85 -2.30 -3.95
N GLY A 126 -5.22 -3.57 -3.92
CA GLY A 126 -4.95 -4.41 -2.77
C GLY A 126 -5.80 -5.64 -2.68
N TRP A 127 -5.52 -6.44 -1.65
CA TRP A 127 -6.28 -7.66 -1.39
C TRP A 127 -7.29 -7.49 -0.28
N GLY A 128 -7.65 -6.25 0.05
CA GLY A 128 -8.63 -6.00 1.11
C GLY A 128 -10.07 -6.38 0.80
N LEU A 129 -10.98 -6.12 1.75
CA LEU A 129 -12.36 -6.56 1.64
C LEU A 129 -13.00 -5.98 0.40
N LEU A 130 -13.88 -6.80 -0.18
CA LEU A 130 -14.53 -6.49 -1.44
C LEU A 130 -15.87 -5.77 -1.26
N GLY A 131 -16.40 -5.80 -0.03
CA GLY A 131 -17.67 -5.13 0.27
C GLY A 131 -17.58 -4.30 1.53
N ARG A 132 -18.38 -3.24 1.56
CA ARG A 132 -18.49 -2.33 2.70
C ARG A 132 -18.79 -3.04 4.05
N GLY A 135 -15.32 -11.10 1.78
CA GLY A 135 -14.21 -11.13 2.72
C GLY A 135 -13.03 -10.52 1.99
N ILE A 136 -11.81 -10.83 2.43
CA ILE A 136 -10.64 -10.37 1.68
C ILE A 136 -10.63 -10.99 0.24
N ALA A 137 -10.10 -10.22 -0.70
CA ALA A 137 -10.03 -10.64 -2.09
C ALA A 137 -9.06 -11.81 -2.26
N SER A 138 -9.44 -12.79 -3.07
CA SER A 138 -8.50 -13.79 -3.58
C SER A 138 -7.56 -13.13 -4.58
N VAL A 139 -8.15 -12.52 -5.61
CA VAL A 139 -7.37 -11.93 -6.67
C VAL A 139 -7.10 -10.45 -6.36
N LEU A 140 -5.84 -10.04 -6.55
CA LEU A 140 -5.47 -8.63 -6.42
C LEU A 140 -6.49 -7.72 -7.14
N GLN A 141 -7.00 -6.71 -6.44
CA GLN A 141 -7.91 -5.73 -7.02
C GLN A 141 -7.23 -4.39 -7.28
N GLU A 142 -7.75 -3.68 -8.27
CA GLU A 142 -7.32 -2.31 -8.51
C GLU A 142 -8.56 -1.41 -8.70
N LEU A 143 -8.35 -0.10 -8.57
CA LEU A 143 -9.47 0.84 -8.55
C LEU A 143 -9.01 2.22 -9.02
N ASN A 144 -9.70 2.80 -10.01
CA ASN A 144 -9.44 4.16 -10.44
C ASN A 144 -9.98 5.13 -9.39
N VAL A 145 -9.11 6.00 -8.89
CA VAL A 145 -9.51 7.00 -7.91
C VAL A 145 -9.03 8.39 -8.37
N THR A 146 -9.57 9.44 -7.75
CA THR A 146 -9.22 10.83 -8.10
C THR A 146 -8.74 11.59 -6.86
N VAL A 147 -7.57 12.24 -6.97
CA VAL A 147 -7.05 13.03 -5.86
C VAL A 147 -8.00 14.20 -5.55
N VAL A 148 -8.31 14.34 -4.26
CA VAL A 148 -9.16 15.43 -3.75
C VAL A 148 -8.48 16.09 -2.53
N THR A 149 -8.76 17.38 -2.32
CA THR A 149 -8.27 18.13 -1.16
C THR A 149 -9.39 18.41 -0.13
N SER A 150 -10.64 18.43 -0.56
CA SER A 150 -11.76 18.62 0.36
C SER A 150 -11.83 17.46 1.32
N LEU A 151 -12.02 17.76 2.60
CA LEU A 151 -12.08 16.75 3.66
C LEU A 151 -10.74 16.00 3.79
N CYS A 152 -9.66 16.62 3.30
CA CYS A 152 -8.32 16.08 3.46
C CYS A 152 -7.45 17.10 4.20
N ARG A 153 -6.39 16.63 4.84
CA ARG A 153 -5.34 17.50 5.40
C ARG A 153 -4.10 17.49 4.51
N ARG A 154 -3.23 18.50 4.66
CA ARG A 154 -2.02 18.60 3.84
C ARG A 154 -1.05 17.48 4.17
N SER A 155 -1.34 16.81 5.28
CA SER A 155 -0.54 15.71 5.77
C SER A 155 -0.95 14.34 5.20
N ASN A 156 -1.96 14.33 4.32
CA ASN A 156 -2.33 13.14 3.54
C ASN A 156 -2.46 13.45 2.06
N VAL A 157 -2.40 12.40 1.24
CA VAL A 157 -2.95 12.41 -0.09
C VAL A 157 -4.29 11.72 0.08
N CYS A 158 -5.38 12.36 -0.34
CA CYS A 158 -6.72 11.74 -0.26
C CYS A 158 -7.30 11.52 -1.62
N THR A 159 -8.12 10.48 -1.73
CA THR A 159 -8.75 10.19 -3.02
C THR A 159 -10.23 9.90 -2.89
N LEU A 160 -10.94 10.04 -4.00
CA LEU A 160 -12.39 9.84 -4.00
C LEU A 160 -12.82 9.38 -5.37
N VAL A 161 -13.69 8.39 -5.38
CA VAL A 161 -14.38 7.96 -6.61
C VAL A 161 -15.73 8.71 -6.67
N ARG A 162 -16.02 9.40 -7.78
CA ARG A 162 -17.30 10.11 -7.90
C ARG A 162 -18.37 9.27 -8.56
N GLY A 163 -19.63 9.58 -8.25
CA GLY A 163 -20.78 9.06 -8.99
C GLY A 163 -21.17 7.64 -8.58
N ARG A 164 -20.46 7.10 -7.57
CA ARG A 164 -20.71 5.77 -7.01
C ARG A 164 -19.89 5.57 -5.74
N GLN A 165 -20.28 4.58 -4.92
CA GLN A 165 -19.51 4.23 -3.71
C GLN A 165 -18.42 3.21 -4.10
N ALA A 166 -17.17 3.60 -3.92
CA ALA A 166 -16.06 2.68 -4.15
C ALA A 166 -14.91 3.22 -3.34
N GLY A 167 -14.03 2.35 -2.89
CA GLY A 167 -12.84 2.78 -2.16
C GLY A 167 -12.00 1.65 -1.62
N VAL A 168 -10.94 2.01 -0.91
CA VAL A 168 -10.12 1.02 -0.21
C VAL A 168 -10.90 0.50 1.01
N CYS A 169 -10.47 -0.64 1.52
CA CYS A 169 -11.14 -1.26 2.66
C CYS A 169 -10.14 -2.02 3.53
N PHE A 170 -10.63 -2.65 4.59
CA PHE A 170 -9.76 -3.37 5.54
C PHE A 170 -8.96 -4.45 4.80
N GLY A 171 -7.66 -4.53 5.08
CA GLY A 171 -6.78 -5.43 4.34
C GLY A 171 -6.03 -4.71 3.22
N ASP A 172 -6.55 -3.55 2.79
CA ASP A 172 -5.82 -2.71 1.83
C ASP A 172 -4.79 -1.80 2.49
N SER A 173 -4.91 -1.65 3.81
CA SER A 173 -3.88 -1.02 4.64
C SER A 173 -2.46 -1.37 4.13
N GLY A 174 -1.66 -0.32 3.91
CA GLY A 174 -0.24 -0.43 3.62
C GLY A 174 0.04 -0.55 2.13
N SER A 175 -1.02 -0.69 1.33
CA SER A 175 -0.92 -0.87 -0.12
C SER A 175 -0.56 0.42 -0.84
N PRO A 176 0.12 0.31 -1.99
CA PRO A 176 0.48 1.53 -2.75
C PRO A 176 -0.71 2.17 -3.48
N LEU A 177 -0.59 3.49 -3.60
CA LEU A 177 -1.39 4.29 -4.50
C LEU A 177 -0.45 4.78 -5.61
N VAL A 178 -0.76 4.40 -6.85
CA VAL A 178 0.09 4.73 -7.99
C VAL A 178 -0.53 5.91 -8.76
N CYS A 179 0.24 6.99 -8.88
CA CYS A 179 -0.21 8.18 -9.59
C CYS A 179 0.86 8.60 -10.56
N ASN A 180 0.50 8.64 -11.85
CA ASN A 180 1.42 9.11 -12.89
C ASN A 180 2.67 8.24 -12.88
N GLY A 181 2.47 6.94 -12.62
CA GLY A 181 3.54 5.93 -12.67
C GLY A 181 4.44 5.84 -11.45
N LEU A 182 4.12 6.59 -10.38
CA LEU A 182 4.97 6.66 -9.19
C LEU A 182 4.14 6.32 -7.95
N ILE A 183 4.79 5.77 -6.92
CA ILE A 183 4.05 5.43 -5.69
C ILE A 183 3.89 6.73 -4.89
N HIS A 184 2.69 7.31 -4.91
CA HIS A 184 2.43 8.60 -4.24
C HIS A 184 1.75 8.42 -2.89
N GLY A 185 1.25 7.22 -2.64
CA GLY A 185 0.51 6.97 -1.43
C GLY A 185 0.71 5.61 -0.82
N ILE A 186 0.52 5.54 0.50
CA ILE A 186 0.38 4.25 1.17
C ILE A 186 -0.97 4.28 1.87
N ALA A 187 -1.85 3.31 1.60
CA ALA A 187 -3.21 3.36 2.20
C ALA A 187 -3.21 3.41 3.74
N SER A 188 -3.88 4.44 4.25
CA SER A 188 -3.75 4.77 5.65
C SER A 188 -5.06 4.69 6.37
N PHE A 189 -6.07 5.46 5.99
CA PHE A 189 -7.34 5.31 6.72
C PHE A 189 -8.57 5.74 5.94
N VAL A 190 -9.70 5.15 6.33
CA VAL A 190 -11.00 5.54 5.81
C VAL A 190 -11.80 6.28 6.89
N ARG A 191 -12.87 6.95 6.49
CA ARG A 191 -13.82 7.52 7.42
C ARG A 191 -15.20 7.23 6.86
N GLY A 192 -16.15 6.98 7.77
CA GLY A 192 -17.52 6.69 7.36
C GLY A 192 -17.69 5.28 6.82
N GLY A 193 -16.79 4.39 7.24
CA GLY A 193 -16.74 3.03 6.75
C GLY A 193 -16.10 2.97 5.36
N CYS A 194 -15.91 1.77 4.80
CA CYS A 194 -15.39 1.71 3.45
C CYS A 194 -16.42 2.18 2.43
N ALA A 195 -15.93 2.90 1.42
CA ALA A 195 -16.73 3.28 0.25
C ALA A 195 -17.98 4.07 0.68
N SER A 196 -17.79 5.04 1.58
CA SER A 196 -18.91 5.89 2.04
C SER A 196 -19.54 6.73 0.91
N GLY A 197 -18.75 7.06 -0.12
CA GLY A 197 -19.18 8.02 -1.11
C GLY A 197 -19.21 9.45 -0.54
N LEU A 198 -18.59 9.66 0.62
CA LEU A 198 -18.55 11.00 1.23
C LEU A 198 -17.12 11.39 1.62
N TYR A 199 -16.55 10.66 2.58
CA TYR A 199 -15.16 10.87 2.99
C TYR A 199 -14.18 10.28 2.00
N PRO A 200 -13.18 11.06 1.58
CA PRO A 200 -12.15 10.51 0.70
C PRO A 200 -11.27 9.56 1.50
N ASP A 201 -10.68 8.58 0.83
CA ASP A 201 -9.71 7.69 1.43
C ASP A 201 -8.38 8.45 1.69
N ALA A 202 -7.75 8.24 2.83
CA ALA A 202 -6.50 8.93 3.14
C ALA A 202 -5.31 7.99 3.00
N PHE A 203 -4.25 8.48 2.37
CA PHE A 203 -3.01 7.75 2.17
C PHE A 203 -1.85 8.53 2.77
N ALA A 204 -0.85 7.83 3.32
CA ALA A 204 0.40 8.51 3.70
C ALA A 204 1.06 9.11 2.43
N PRO A 205 1.46 10.39 2.48
CA PRO A 205 1.94 11.11 1.29
C PRO A 205 3.41 10.78 1.04
N VAL A 206 3.65 9.78 0.24
CA VAL A 206 4.99 9.18 0.09
C VAL A 206 6.03 10.26 -0.32
N ALA A 207 5.63 11.20 -1.18
CA ALA A 207 6.54 12.28 -1.60
C ALA A 207 7.17 13.04 -0.44
N GLN A 208 6.46 13.14 0.68
CA GLN A 208 6.97 13.88 1.85
C GLN A 208 8.07 13.10 2.56
N PHE A 209 8.09 11.78 2.34
CA PHE A 209 9.02 10.89 3.05
C PHE A 209 10.20 10.42 2.19
N VAL A 210 10.36 10.98 0.99
CA VAL A 210 11.35 10.48 0.04
C VAL A 210 12.82 10.65 0.49
N ASN A 211 13.19 11.79 1.03
CA ASN A 211 14.55 11.90 1.55
C ASN A 211 14.84 10.83 2.63
N TRP A 212 13.88 10.61 3.53
CA TRP A 212 13.96 9.57 4.58
C TRP A 212 14.10 8.14 3.97
N ILE A 213 13.22 7.80 3.02
CA ILE A 213 13.31 6.53 2.30
C ILE A 213 14.69 6.29 1.68
N ASP A 214 15.17 7.31 0.95
CA ASP A 214 16.42 7.24 0.19
C ASP A 214 17.61 7.05 1.12
N SER A 215 17.55 7.67 2.29
CA SER A 215 18.61 7.57 3.30
C SER A 215 18.79 6.12 3.77
N ILE A 216 17.70 5.34 3.70
CA ILE A 216 17.69 3.97 4.19
C ILE A 216 18.01 2.96 3.10
N ILE A 217 17.43 3.13 1.92
CA ILE A 217 17.54 2.09 0.91
C ILE A 217 18.78 2.28 0.02
N GLN A 218 19.41 3.46 0.11
CA GLN A 218 20.66 3.82 -0.57
C GLN A 218 20.51 5.16 -1.27
#